data_4JGO
#
_entry.id   4JGO
#
_cell.length_a   76.107
_cell.length_b   82.533
_cell.length_c   90.375
_cell.angle_alpha   90.00
_cell.angle_beta   90.00
_cell.angle_gamma   90.00
#
_symmetry.space_group_name_H-M   'P 21 21 21'
#
loop_
_entity.id
_entity.type
_entity.pdbx_description
1 polymer 'Sporulation kinase D'
2 non-polymer 'PYRUVIC ACID'
3 non-polymer GLYCEROL
4 water water
#
_entity_poly.entity_id   1
_entity_poly.type   'polypeptide(L)'
_entity_poly.pdbx_seq_one_letter_code
;SNAEKEKDTIAAEHKQEASVLLNLHRNKINYLIGET(MSE)AR(MSE)TSLSIAIDRPVDIKK(MSE)QSILEKTFDSEP
RFSGLYFLNAKGDVTASTTELKTKVNLADRSFFIKAKETKKTVISDSYSSRITGQPIFTICVPVLDSKRNVTDYLVAAIQ
IDYLKNLINLLSPDVYIEVVNQDGK(MSE)IFASGQASHAEDQKPVSGYLDDISWN(MSE)KVYPNPVTIEELSKSL
;
_entity_poly.pdbx_strand_id   A,B
#
loop_
_chem_comp.id
_chem_comp.type
_chem_comp.name
_chem_comp.formula
GOL non-polymer GLYCEROL 'C3 H8 O3'
PYR non-polymer 'PYRUVIC ACID' 'C3 H4 O3'
#
# COMPACT_ATOMS: atom_id res chain seq x y z
N GLU A 6 4.74 -32.95 -25.71
CA GLU A 6 5.23 -33.77 -24.60
C GLU A 6 4.94 -33.05 -23.29
N LYS A 7 6.01 -32.82 -22.53
CA LYS A 7 5.95 -32.09 -21.28
C LYS A 7 6.15 -30.59 -21.50
N ASP A 8 5.82 -30.11 -22.70
CA ASP A 8 5.74 -28.67 -22.94
C ASP A 8 4.69 -28.13 -22.00
N THR A 9 3.80 -29.02 -21.60
CA THR A 9 2.70 -28.73 -20.69
C THR A 9 3.21 -28.19 -19.36
N ILE A 10 4.18 -28.87 -18.75
CA ILE A 10 4.72 -28.46 -17.46
C ILE A 10 5.59 -27.19 -17.58
N ALA A 11 6.13 -26.96 -18.77
CA ALA A 11 6.89 -25.76 -19.04
C ALA A 11 6.00 -24.54 -19.08
N ALA A 12 4.88 -24.64 -19.81
CA ALA A 12 3.97 -23.53 -19.99
C ALA A 12 3.39 -23.09 -18.66
N GLU A 13 3.14 -24.08 -17.81
CA GLU A 13 2.69 -23.84 -16.45
C GLU A 13 3.79 -23.24 -15.59
N HIS A 14 5.01 -23.75 -15.74
CA HIS A 14 6.16 -23.18 -15.05
C HIS A 14 6.32 -21.70 -15.41
N LYS A 15 5.98 -21.37 -16.65
CA LYS A 15 6.06 -20.01 -17.15
C LYS A 15 5.01 -19.11 -16.52
N GLN A 16 3.76 -19.57 -16.45
CA GLN A 16 2.70 -18.74 -15.87
C GLN A 16 2.88 -18.58 -14.35
N GLU A 17 3.41 -19.61 -13.69
CA GLU A 17 3.86 -19.48 -12.30
C GLU A 17 4.87 -18.33 -12.14
N ALA A 18 5.78 -18.25 -13.10
CA ALA A 18 6.78 -17.18 -13.10
C ALA A 18 6.09 -15.83 -13.27
N SER A 19 5.07 -15.79 -14.13
CA SER A 19 4.32 -14.57 -14.34
C SER A 19 3.59 -14.15 -13.06
N VAL A 20 2.92 -15.12 -12.45
CA VAL A 20 2.22 -14.92 -11.18
C VAL A 20 3.19 -14.40 -10.11
N LEU A 21 4.38 -14.97 -10.08
CA LEU A 21 5.40 -14.50 -9.14
C LEU A 21 5.82 -13.07 -9.44
N LEU A 22 6.02 -12.77 -10.72
CA LEU A 22 6.41 -11.43 -11.13
C LEU A 22 5.43 -10.41 -10.54
N ASN A 23 4.14 -10.65 -10.73
CA ASN A 23 3.14 -9.69 -10.25
C ASN A 23 3.02 -9.60 -8.74
N LEU A 24 3.08 -10.74 -8.08
CA LEU A 24 3.14 -10.78 -6.62
C LEU A 24 4.26 -9.88 -6.11
N HIS A 25 5.47 -10.14 -6.59
CA HIS A 25 6.63 -9.40 -6.11
C HIS A 25 6.67 -7.92 -6.49
N ARG A 26 6.33 -7.59 -7.73
CA ARG A 26 6.22 -6.18 -8.06
C ARG A 26 5.20 -5.49 -7.18
N ASN A 27 4.04 -6.12 -7.01
CA ASN A 27 2.96 -5.55 -6.20
C ASN A 27 3.45 -5.27 -4.78
N LYS A 28 4.18 -6.22 -4.21
CA LYS A 28 4.76 -6.03 -2.89
C LYS A 28 5.67 -4.80 -2.86
N ILE A 29 6.58 -4.67 -3.81
CA ILE A 29 7.52 -3.57 -3.73
C ILE A 29 6.83 -2.25 -4.07
N ASN A 30 5.99 -2.25 -5.10
CA ASN A 30 5.18 -1.10 -5.43
C ASN A 30 4.40 -0.67 -4.20
N TYR A 31 3.79 -1.63 -3.50
CA TYR A 31 3.09 -1.33 -2.25
C TYR A 31 3.98 -0.67 -1.20
N LEU A 32 5.16 -1.24 -1.00
CA LEU A 32 6.09 -0.71 -0.01
C LEU A 32 6.47 0.74 -0.31
N ILE A 33 6.71 1.02 -1.59
CA ILE A 33 7.16 2.35 -1.97
C ILE A 33 6.03 3.35 -1.83
N GLY A 34 4.85 2.98 -2.31
CA GLY A 34 3.72 3.89 -2.28
C GLY A 34 3.26 4.16 -0.86
N GLU A 35 3.39 3.15 -0.01
CA GLU A 35 3.00 3.29 1.38
C GLU A 35 3.92 4.29 2.09
N THR A 36 5.21 4.17 1.84
CA THR A 36 6.18 5.04 2.46
C THR A 36 5.91 6.48 2.02
N MSE A 37 5.69 6.65 0.71
CA MSE A 37 5.36 7.96 0.15
C MSE A 37 4.17 8.52 0.90
O MSE A 37 4.17 9.68 1.31
CB MSE A 37 5.05 7.88 -1.35
CG MSE A 37 6.24 7.47 -2.23
SE MSE A 37 5.68 7.12 -4.08
CE MSE A 37 5.07 8.93 -4.51
N ALA A 38 3.15 7.67 1.06
CA ALA A 38 1.93 8.10 1.75
C ALA A 38 2.19 8.47 3.20
N ARG A 39 3.02 7.70 3.91
CA ARG A 39 3.36 8.05 5.29
C ARG A 39 3.99 9.42 5.36
N MSE A 40 4.99 9.67 4.50
CA MSE A 40 5.71 10.94 4.49
C MSE A 40 4.79 12.11 4.13
O MSE A 40 4.82 13.16 4.78
CB MSE A 40 6.90 10.90 3.50
CG MSE A 40 7.99 9.87 3.81
SE MSE A 40 8.84 10.10 5.56
CE MSE A 40 7.91 8.74 6.59
N THR A 41 3.98 11.93 3.10
CA THR A 41 3.04 12.96 2.69
C THR A 41 2.15 13.31 3.86
N SER A 42 1.57 12.30 4.49
CA SER A 42 0.72 12.54 5.64
C SER A 42 1.44 13.26 6.78
N LEU A 43 2.72 12.95 6.99
CA LEU A 43 3.45 13.61 8.06
C LEU A 43 3.50 15.10 7.77
N SER A 44 3.87 15.44 6.55
CA SER A 44 3.99 16.83 6.14
C SER A 44 2.71 17.62 6.33
N ILE A 45 1.58 17.00 6.02
CA ILE A 45 0.28 17.63 6.16
C ILE A 45 -0.08 17.87 7.63
N ALA A 46 0.30 16.92 8.48
CA ALA A 46 -0.25 16.88 9.83
C ALA A 46 0.55 17.70 10.84
N ILE A 47 1.84 17.89 10.58
CA ILE A 47 2.69 18.50 11.59
C ILE A 47 2.42 19.99 11.64
N ASP A 48 2.37 20.56 12.85
CA ASP A 48 2.19 22.01 12.95
C ASP A 48 3.29 22.77 12.19
N ARG A 49 2.88 23.82 11.48
CA ARG A 49 3.84 24.70 10.81
C ARG A 49 3.99 26.00 11.61
N PRO A 50 5.20 26.58 11.64
CA PRO A 50 6.44 26.10 11.00
C PRO A 50 6.95 24.85 11.69
N VAL A 51 7.63 23.97 10.95
CA VAL A 51 8.10 22.74 11.55
C VAL A 51 9.03 22.98 12.75
N ASP A 52 8.67 22.40 13.90
CA ASP A 52 9.55 22.40 15.05
C ASP A 52 10.48 21.20 14.97
N ILE A 53 11.77 21.47 15.08
CA ILE A 53 12.76 20.43 14.85
C ILE A 53 12.71 19.33 15.90
N LYS A 54 12.49 19.71 17.15
CA LYS A 54 12.38 18.74 18.24
C LYS A 54 11.24 17.77 17.96
N LYS A 55 10.08 18.30 17.56
CA LYS A 55 8.91 17.50 17.26
C LYS A 55 9.13 16.59 16.07
N MSE A 56 9.70 17.14 15.00
CA MSE A 56 10.06 16.31 13.86
C MSE A 56 10.96 15.16 14.32
O MSE A 56 10.72 13.99 13.98
CB MSE A 56 10.78 17.13 12.79
CG MSE A 56 11.05 16.33 11.52
SE MSE A 56 9.41 15.54 10.79
CE MSE A 56 9.33 13.88 11.75
N GLN A 57 11.99 15.49 15.08
CA GLN A 57 12.92 14.45 15.56
C GLN A 57 12.13 13.31 16.22
N SER A 58 11.22 13.64 17.12
CA SER A 58 10.50 12.58 17.82
C SER A 58 9.61 11.78 16.84
N ILE A 59 9.01 12.49 15.89
CA ILE A 59 8.13 11.87 14.91
C ILE A 59 8.87 10.88 14.02
N LEU A 60 10.10 11.22 13.63
CA LEU A 60 10.87 10.33 12.77
C LEU A 60 11.25 9.08 13.54
N GLU A 61 11.61 9.28 14.80
CA GLU A 61 11.99 8.17 15.66
C GLU A 61 10.81 7.22 15.83
N LYS A 62 9.66 7.78 16.14
CA LYS A 62 8.44 6.98 16.29
C LYS A 62 8.10 6.24 15.00
N THR A 63 8.09 6.96 13.89
CA THR A 63 7.84 6.35 12.59
C THR A 63 8.87 5.26 12.25
N PHE A 64 10.15 5.59 12.42
CA PHE A 64 11.24 4.68 12.10
C PHE A 64 11.17 3.40 12.94
N ASP A 65 10.54 3.53 14.10
CA ASP A 65 10.62 2.50 15.12
C ASP A 65 10.04 1.16 14.69
N SER A 66 10.92 0.17 14.62
CA SER A 66 10.58 -1.23 14.29
C SER A 66 10.21 -1.47 12.82
N GLU A 67 10.71 -0.62 11.93
CA GLU A 67 10.43 -0.76 10.51
C GLU A 67 11.72 -1.06 9.76
N PRO A 68 12.15 -2.34 9.75
CA PRO A 68 13.39 -2.81 9.12
C PRO A 68 13.47 -2.33 7.68
N ARG A 69 12.30 -1.98 7.15
CA ARG A 69 12.17 -1.35 5.85
C ARG A 69 13.25 -0.29 5.69
N PHE A 70 13.41 0.53 6.73
CA PHE A 70 14.19 1.76 6.64
C PHE A 70 15.66 1.61 6.98
N SER A 71 16.49 2.28 6.19
CA SER A 71 17.88 2.48 6.57
C SER A 71 17.89 3.62 7.59
N GLY A 72 17.12 4.67 7.30
CA GLY A 72 16.96 5.77 8.23
C GLY A 72 15.90 6.75 7.76
N LEU A 73 15.49 7.63 8.65
CA LEU A 73 14.56 8.69 8.29
C LEU A 73 15.23 9.98 8.64
N TYR A 74 15.21 10.94 7.72
CA TYR A 74 15.88 12.19 7.98
C TYR A 74 15.02 13.37 7.59
N PHE A 75 15.43 14.53 8.09
CA PHE A 75 14.80 15.78 7.75
C PHE A 75 15.90 16.71 7.31
N LEU A 76 15.68 17.43 6.22
CA LEU A 76 16.67 18.35 5.73
C LEU A 76 16.12 19.77 5.70
N ASN A 77 17.01 20.74 5.83
CA ASN A 77 16.62 22.13 5.65
C ASN A 77 16.80 22.53 4.19
N ALA A 78 16.51 23.78 3.89
CA ALA A 78 16.48 24.24 2.51
C ALA A 78 17.83 24.06 1.84
N LYS A 79 18.89 24.22 2.62
CA LYS A 79 20.25 24.09 2.09
C LYS A 79 20.63 22.64 1.83
N GLY A 80 19.95 21.73 2.51
CA GLY A 80 20.21 20.31 2.33
C GLY A 80 20.96 19.69 3.49
N ASP A 81 21.10 20.44 4.59
CA ASP A 81 21.70 19.90 5.80
C ASP A 81 20.72 18.95 6.47
N VAL A 82 21.23 17.87 7.04
CA VAL A 82 20.41 16.97 7.82
C VAL A 82 20.19 17.59 9.17
N THR A 83 18.93 17.91 9.50
CA THR A 83 18.65 18.60 10.76
C THR A 83 17.90 17.75 11.76
N ALA A 84 17.34 16.63 11.28
CA ALA A 84 16.74 15.59 12.12
C ALA A 84 17.05 14.22 11.51
N SER A 85 17.28 13.23 12.38
CA SER A 85 17.88 11.97 11.93
C SER A 85 17.66 10.80 12.90
N THR A 86 17.40 9.61 12.36
CA THR A 86 17.26 8.44 13.22
C THR A 86 18.61 7.80 13.52
N THR A 87 19.62 8.16 12.75
CA THR A 87 20.97 7.68 13.03
C THR A 87 21.77 8.77 13.69
N GLU A 88 22.38 8.45 14.84
CA GLU A 88 23.23 9.42 15.50
C GLU A 88 24.31 9.81 14.50
N LEU A 89 24.39 11.10 14.21
CA LEU A 89 25.29 11.60 13.19
C LEU A 89 26.61 12.02 13.78
N LYS A 90 27.70 11.45 13.26
CA LYS A 90 29.04 11.80 13.72
C LYS A 90 29.36 13.26 13.41
N THR A 91 29.27 13.61 12.13
CA THR A 91 29.57 14.96 11.69
C THR A 91 28.33 15.58 11.07
N LYS A 92 28.39 16.87 10.78
CA LYS A 92 27.39 17.49 9.92
C LYS A 92 27.27 16.67 8.63
N VAL A 93 26.06 16.55 8.10
CA VAL A 93 25.85 15.87 6.83
C VAL A 93 25.00 16.72 5.90
N ASN A 94 25.32 16.70 4.62
CA ASN A 94 24.58 17.48 3.65
C ASN A 94 24.36 16.70 2.36
N LEU A 95 23.13 16.75 1.86
CA LEU A 95 22.69 15.89 0.76
C LEU A 95 22.25 16.69 -0.45
N ALA A 96 22.60 17.98 -0.45
CA ALA A 96 22.23 18.87 -1.55
C ALA A 96 22.84 18.44 -2.90
N ASP A 97 23.85 17.58 -2.85
CA ASP A 97 24.52 17.13 -4.06
C ASP A 97 23.82 15.93 -4.70
N ARG A 98 22.99 15.26 -3.90
CA ARG A 98 22.25 14.10 -4.35
C ARG A 98 21.32 14.43 -5.51
N SER A 99 21.23 13.52 -6.47
CA SER A 99 20.35 13.73 -7.62
C SER A 99 18.90 13.94 -7.20
N PHE A 100 18.43 13.13 -6.27
CA PHE A 100 17.04 13.23 -5.83
C PHE A 100 16.78 14.55 -5.12
N PHE A 101 17.80 15.10 -4.46
CA PHE A 101 17.62 16.38 -3.79
C PHE A 101 17.41 17.48 -4.82
N ILE A 102 18.30 17.53 -5.80
CA ILE A 102 18.24 18.50 -6.86
C ILE A 102 16.90 18.42 -7.58
N LYS A 103 16.47 17.21 -7.90
CA LYS A 103 15.22 17.05 -8.62
C LYS A 103 14.04 17.46 -7.71
N ALA A 104 14.13 17.14 -6.42
CA ALA A 104 13.03 17.41 -5.52
C ALA A 104 12.88 18.92 -5.36
N LYS A 105 14.01 19.61 -5.37
CA LYS A 105 14.05 21.05 -5.19
C LYS A 105 13.41 21.76 -6.36
N GLU A 106 13.74 21.29 -7.56
CA GLU A 106 13.23 21.88 -8.79
C GLU A 106 11.76 21.56 -9.02
N THR A 107 11.39 20.29 -8.87
CA THR A 107 10.02 19.90 -9.21
C THR A 107 9.01 20.23 -8.11
N LYS A 108 9.51 20.43 -6.88
CA LYS A 108 8.66 20.60 -5.70
C LYS A 108 7.68 19.43 -5.56
N LYS A 109 8.06 18.28 -6.12
CA LYS A 109 7.25 17.07 -6.01
C LYS A 109 8.06 15.91 -5.41
N THR A 110 7.37 14.87 -4.97
CA THR A 110 8.04 13.70 -4.40
C THR A 110 9.00 13.07 -5.42
N VAL A 111 10.10 12.51 -4.94
CA VAL A 111 11.09 11.91 -5.81
C VAL A 111 11.57 10.57 -5.23
N ILE A 112 11.68 9.55 -6.07
CA ILE A 112 12.25 8.26 -5.67
C ILE A 112 13.63 8.12 -6.31
N SER A 113 14.63 7.75 -5.53
CA SER A 113 16.00 7.65 -6.08
C SER A 113 16.35 6.23 -6.53
N ASP A 114 17.45 6.09 -7.26
CA ASP A 114 18.00 4.77 -7.57
C ASP A 114 18.84 4.32 -6.38
N SER A 115 19.38 3.12 -6.46
CA SER A 115 20.21 2.59 -5.38
C SER A 115 21.57 3.30 -5.34
N TYR A 116 22.04 3.55 -4.13
CA TYR A 116 23.39 4.06 -3.92
C TYR A 116 23.82 3.67 -2.52
N SER A 117 24.99 4.12 -2.11
CA SER A 117 25.50 3.71 -0.82
C SER A 117 25.32 4.86 0.16
N SER A 118 24.55 4.60 1.20
CA SER A 118 24.25 5.63 2.18
C SER A 118 25.51 6.34 2.69
N ARG A 119 25.51 7.66 2.60
CA ARG A 119 26.57 8.46 3.21
C ARG A 119 26.57 8.24 4.71
N ILE A 120 25.41 7.91 5.24
CA ILE A 120 25.20 7.84 6.69
C ILE A 120 25.48 6.45 7.28
N THR A 121 25.22 5.39 6.52
CA THR A 121 25.40 4.01 7.00
C THR A 121 26.39 3.17 6.19
N GLY A 122 26.66 3.59 4.96
CA GLY A 122 27.55 2.86 4.08
C GLY A 122 26.85 1.73 3.37
N GLN A 123 25.64 1.41 3.82
CA GLN A 123 24.82 0.36 3.21
C GLN A 123 24.21 0.81 1.89
N PRO A 124 23.72 -0.15 1.09
CA PRO A 124 23.02 0.17 -0.16
C PRO A 124 21.56 0.48 0.16
N ILE A 125 21.02 1.51 -0.52
CA ILE A 125 19.69 2.01 -0.24
C ILE A 125 19.12 2.74 -1.44
N PHE A 126 17.84 3.03 -1.40
CA PHE A 126 17.26 4.05 -2.27
C PHE A 126 16.40 4.97 -1.39
N THR A 127 16.17 6.20 -1.83
CA THR A 127 15.36 7.05 -0.99
C THR A 127 14.12 7.62 -1.63
N ILE A 128 13.16 7.88 -0.74
CA ILE A 128 11.96 8.58 -1.05
C ILE A 128 12.07 9.95 -0.36
N CYS A 129 11.89 11.00 -1.15
CA CYS A 129 12.18 12.35 -0.69
C CYS A 129 11.00 13.27 -0.97
N VAL A 130 10.47 13.87 0.07
CA VAL A 130 9.26 14.68 -0.07
C VAL A 130 9.57 16.12 0.30
N PRO A 131 9.40 17.05 -0.66
CA PRO A 131 9.65 18.46 -0.34
C PRO A 131 8.57 18.98 0.61
N VAL A 132 8.97 19.80 1.57
CA VAL A 132 8.01 20.44 2.46
C VAL A 132 7.92 21.90 2.02
N LEU A 133 6.70 22.37 1.76
CA LEU A 133 6.48 23.70 1.20
C LEU A 133 5.83 24.62 2.19
N ASP A 134 6.12 25.92 2.08
CA ASP A 134 5.41 26.91 2.87
C ASP A 134 4.16 27.40 2.13
N SER A 135 3.46 28.34 2.76
CA SER A 135 2.18 28.85 2.25
C SER A 135 2.33 29.41 0.84
N LYS A 136 3.48 30.00 0.55
CA LYS A 136 3.72 30.54 -0.78
C LYS A 136 4.35 29.49 -1.71
N ARG A 137 4.25 28.22 -1.31
CA ARG A 137 4.79 27.11 -2.10
C ARG A 137 6.30 27.16 -2.33
N ASN A 138 7.00 27.85 -1.45
CA ASN A 138 8.46 27.76 -1.40
C ASN A 138 8.85 26.42 -0.78
N VAL A 139 9.81 25.73 -1.38
CA VAL A 139 10.40 24.57 -0.73
C VAL A 139 11.29 25.01 0.42
N THR A 140 10.96 24.61 1.65
CA THR A 140 11.76 24.99 2.80
C THR A 140 12.51 23.83 3.46
N ASP A 141 11.95 22.62 3.36
CA ASP A 141 12.59 21.46 3.97
C ASP A 141 12.29 20.20 3.18
N TYR A 142 12.86 19.10 3.64
CA TYR A 142 12.75 17.83 2.98
C TYR A 142 12.63 16.70 3.99
N LEU A 143 11.64 15.86 3.79
CA LEU A 143 11.58 14.58 4.46
C LEU A 143 12.29 13.56 3.58
N VAL A 144 13.11 12.72 4.19
CA VAL A 144 13.89 11.73 3.47
C VAL A 144 13.74 10.36 4.12
N ALA A 145 13.22 9.40 3.36
CA ALA A 145 13.05 8.04 3.84
C ALA A 145 14.00 7.12 3.08
N ALA A 146 14.99 6.56 3.78
CA ALA A 146 15.93 5.69 3.12
C ALA A 146 15.55 4.25 3.38
N ILE A 147 15.38 3.48 2.31
CA ILE A 147 15.02 2.07 2.42
C ILE A 147 16.24 1.18 2.19
N GLN A 148 16.35 0.11 2.98
CA GLN A 148 17.45 -0.82 2.81
C GLN A 148 17.16 -1.81 1.70
N ILE A 149 17.99 -1.76 0.66
CA ILE A 149 17.88 -2.69 -0.44
C ILE A 149 17.83 -4.11 0.06
N ASP A 150 18.62 -4.41 1.10
CA ASP A 150 18.67 -5.75 1.65
C ASP A 150 17.32 -6.19 2.23
N TYR A 151 16.51 -5.23 2.58
CA TYR A 151 15.21 -5.57 3.12
C TYR A 151 14.34 -6.09 1.99
N LEU A 152 14.46 -5.47 0.81
CA LEU A 152 13.68 -5.88 -0.34
C LEU A 152 14.09 -7.27 -0.78
N LYS A 153 15.40 -7.49 -0.79
CA LYS A 153 15.98 -8.76 -1.15
C LYS A 153 15.46 -9.89 -0.25
N ASN A 154 15.52 -9.68 1.05
CA ASN A 154 15.08 -10.71 1.98
C ASN A 154 13.57 -10.94 1.84
N LEU A 155 12.87 -9.87 1.52
CA LEU A 155 11.44 -9.90 1.37
C LEU A 155 11.08 -10.86 0.24
N ILE A 156 11.76 -10.72 -0.88
CA ILE A 156 11.51 -11.57 -2.03
C ILE A 156 12.00 -12.97 -1.74
N ASN A 157 13.19 -13.07 -1.18
CA ASN A 157 13.78 -14.36 -0.88
C ASN A 157 12.87 -15.20 0.00
N LEU A 158 12.23 -14.52 0.95
CA LEU A 158 11.39 -15.14 1.95
C LEU A 158 10.21 -15.89 1.34
N LEU A 159 9.73 -15.39 0.21
CA LEU A 159 8.57 -15.98 -0.45
C LEU A 159 8.96 -16.93 -1.59
N SER A 160 9.93 -16.53 -2.38
CA SER A 160 10.37 -17.32 -3.52
C SER A 160 11.83 -17.70 -3.38
N PRO A 161 12.15 -18.55 -2.38
CA PRO A 161 13.55 -18.89 -2.12
C PRO A 161 14.10 -19.77 -3.21
N ASP A 162 13.24 -20.54 -3.87
CA ASP A 162 13.72 -21.54 -4.82
C ASP A 162 13.48 -21.22 -6.28
N VAL A 163 13.22 -19.96 -6.57
CA VAL A 163 13.21 -19.46 -7.93
C VAL A 163 14.32 -18.45 -8.06
N TYR A 164 14.88 -18.30 -9.25
CA TYR A 164 15.86 -17.26 -9.47
C TYR A 164 15.25 -15.97 -10.01
N ILE A 165 15.46 -14.87 -9.28
CA ILE A 165 14.90 -13.58 -9.67
C ILE A 165 16.00 -12.50 -9.67
N GLU A 166 15.95 -11.61 -10.65
CA GLU A 166 16.95 -10.56 -10.81
C GLU A 166 16.29 -9.21 -10.80
N VAL A 167 16.91 -8.24 -10.13
CA VAL A 167 16.44 -6.88 -10.24
C VAL A 167 17.56 -5.97 -10.75
N VAL A 168 17.27 -5.29 -11.85
CA VAL A 168 18.27 -4.57 -12.61
C VAL A 168 17.73 -3.20 -12.96
N ASN A 169 18.53 -2.14 -12.81
CA ASN A 169 18.00 -0.83 -13.21
C ASN A 169 17.96 -0.67 -14.73
N GLN A 170 17.53 0.49 -15.18
CA GLN A 170 17.30 0.74 -16.60
C GLN A 170 18.59 0.67 -17.40
N ASP A 171 19.72 0.63 -16.70
CA ASP A 171 21.01 0.64 -17.39
C ASP A 171 21.79 -0.66 -17.22
N GLY A 172 21.18 -1.64 -16.58
CA GLY A 172 21.83 -2.93 -16.44
C GLY A 172 22.59 -3.14 -15.15
N LYS A 173 22.54 -2.17 -14.24
CA LYS A 173 23.19 -2.35 -12.96
C LYS A 173 22.35 -3.29 -12.09
N MSE A 174 23.01 -4.33 -11.58
CA MSE A 174 22.35 -5.29 -10.70
C MSE A 174 21.91 -4.58 -9.44
O MSE A 174 22.75 -4.07 -8.69
CB MSE A 174 23.30 -6.44 -10.31
CG MSE A 174 22.62 -7.48 -9.39
SE MSE A 174 21.31 -8.54 -10.36
CE MSE A 174 22.58 -9.64 -11.36
N ILE A 175 20.62 -4.56 -9.18
CA ILE A 175 20.17 -4.05 -7.89
C ILE A 175 20.35 -5.19 -6.91
N PHE A 176 19.66 -6.29 -7.16
CA PHE A 176 19.91 -7.52 -6.41
C PHE A 176 19.32 -8.70 -7.13
N ALA A 177 19.65 -9.90 -6.64
CA ALA A 177 19.08 -11.12 -7.15
C ALA A 177 18.70 -11.96 -5.95
N SER A 178 17.67 -12.78 -6.10
CA SER A 178 17.28 -13.69 -5.04
C SER A 178 17.28 -15.10 -5.60
N GLY A 179 17.87 -16.04 -4.87
CA GLY A 179 17.84 -17.44 -5.27
C GLY A 179 19.06 -17.85 -6.07
N GLN A 180 19.07 -19.11 -6.50
CA GLN A 180 20.23 -19.72 -7.16
C GLN A 180 20.22 -19.53 -8.67
N ALA A 181 21.28 -18.93 -9.21
CA ALA A 181 21.33 -18.70 -10.65
C ALA A 181 21.24 -20.01 -11.45
N SER A 182 21.75 -21.10 -10.88
CA SER A 182 21.66 -22.38 -11.56
C SER A 182 20.25 -22.69 -12.02
N HIS A 183 19.25 -22.19 -11.29
CA HIS A 183 17.86 -22.44 -11.63
C HIS A 183 17.49 -21.84 -12.98
N ALA A 184 18.19 -20.79 -13.37
CA ALA A 184 17.85 -20.07 -14.59
C ALA A 184 18.40 -20.74 -15.87
N GLU A 185 19.29 -21.70 -15.72
CA GLU A 185 19.89 -22.34 -16.89
C GLU A 185 18.83 -22.78 -17.90
N ASP A 186 18.96 -22.29 -19.12
CA ASP A 186 18.09 -22.60 -20.24
C ASP A 186 16.71 -21.97 -20.13
N GLN A 187 16.56 -20.96 -19.26
CA GLN A 187 15.28 -20.32 -19.06
C GLN A 187 15.27 -18.87 -19.49
N LYS A 188 14.17 -18.48 -20.13
CA LYS A 188 13.93 -17.08 -20.44
C LYS A 188 13.01 -16.50 -19.36
N PRO A 189 13.30 -15.27 -18.93
CA PRO A 189 12.53 -14.75 -17.79
C PRO A 189 11.25 -14.02 -18.20
N VAL A 190 10.25 -14.11 -17.34
CA VAL A 190 9.10 -13.23 -17.43
C VAL A 190 9.50 -11.99 -16.62
N SER A 191 9.34 -10.81 -17.20
CA SER A 191 9.93 -9.64 -16.56
C SER A 191 9.05 -8.40 -16.68
N GLY A 192 9.27 -7.44 -15.79
CA GLY A 192 8.55 -6.17 -15.84
C GLY A 192 9.09 -5.11 -14.89
N TYR A 193 8.87 -3.83 -15.22
CA TYR A 193 9.37 -2.72 -14.38
C TYR A 193 8.44 -2.40 -13.24
N LEU A 194 9.00 -1.84 -12.18
CA LEU A 194 8.21 -1.29 -11.07
C LEU A 194 7.55 0.01 -11.48
N ASP A 195 6.59 0.46 -10.67
CA ASP A 195 5.84 1.67 -10.97
C ASP A 195 6.65 2.94 -10.81
N ASP A 196 7.18 3.16 -9.62
CA ASP A 196 7.69 4.48 -9.24
C ASP A 196 9.20 4.58 -9.31
N ILE A 197 9.84 3.48 -9.68
CA ILE A 197 11.28 3.45 -9.83
C ILE A 197 11.65 2.54 -11.00
N SER A 198 12.65 2.97 -11.78
CA SER A 198 13.04 2.28 -13.00
C SER A 198 13.87 1.02 -12.78
N TRP A 199 13.30 0.08 -12.03
CA TRP A 199 13.94 -1.20 -11.81
C TRP A 199 13.18 -2.26 -12.55
N ASN A 200 13.90 -3.09 -13.30
CA ASN A 200 13.27 -4.15 -14.06
C ASN A 200 13.42 -5.48 -13.35
N MSE A 201 12.30 -6.16 -13.10
CA MSE A 201 12.35 -7.42 -12.38
C MSE A 201 12.19 -8.60 -13.34
O MSE A 201 11.25 -8.63 -14.14
CB MSE A 201 11.26 -7.49 -11.31
CG MSE A 201 11.37 -8.77 -10.50
SE MSE A 201 10.00 -9.01 -9.13
CE MSE A 201 10.40 -7.53 -7.91
N LYS A 202 13.11 -9.54 -13.24
CA LYS A 202 13.10 -10.72 -14.10
C LYS A 202 12.98 -11.99 -13.30
N VAL A 203 11.87 -12.69 -13.47
CA VAL A 203 11.63 -13.95 -12.80
C VAL A 203 11.85 -15.12 -13.76
N TYR A 204 12.80 -15.99 -13.44
CA TYR A 204 13.08 -17.16 -14.30
C TYR A 204 12.24 -18.36 -13.94
N PRO A 205 11.46 -18.85 -14.90
CA PRO A 205 10.67 -20.04 -14.59
C PRO A 205 11.59 -21.17 -14.20
N ASN A 206 11.14 -22.05 -13.29
CA ASN A 206 11.92 -23.23 -12.96
C ASN A 206 11.82 -24.31 -14.02
N PRO A 207 12.88 -25.11 -14.15
CA PRO A 207 12.94 -26.17 -15.17
C PRO A 207 11.89 -27.25 -14.93
N VAL A 208 11.48 -27.91 -16.01
CA VAL A 208 10.64 -29.08 -15.91
C VAL A 208 11.46 -30.24 -15.34
N THR A 209 10.99 -30.85 -14.27
CA THR A 209 11.76 -31.92 -13.61
C THR A 209 11.07 -33.27 -13.70
N ILE A 210 11.60 -34.23 -12.97
CA ILE A 210 11.11 -35.61 -12.98
C ILE A 210 9.63 -35.72 -12.61
N GLU A 211 8.84 -36.34 -13.50
CA GLU A 211 7.40 -36.44 -13.32
C GLU A 211 6.76 -37.48 -14.25
N ALA B 3 -10.04 -32.75 -29.38
CA ALA B 3 -11.20 -33.55 -29.04
C ALA B 3 -12.02 -32.87 -27.95
N GLU B 4 -12.61 -33.66 -27.06
CA GLU B 4 -13.25 -33.10 -25.88
C GLU B 4 -12.17 -32.56 -24.96
N LYS B 5 -10.94 -32.99 -25.21
CA LYS B 5 -9.80 -32.63 -24.37
C LYS B 5 -9.36 -31.17 -24.60
N GLU B 6 -9.90 -30.57 -25.65
CA GLU B 6 -9.56 -29.18 -25.96
C GLU B 6 -10.58 -28.21 -25.38
N LYS B 7 -11.70 -28.73 -24.90
CA LYS B 7 -12.59 -27.94 -24.03
C LYS B 7 -11.85 -27.74 -22.72
N ASP B 8 -11.32 -28.85 -22.21
CA ASP B 8 -10.45 -28.86 -21.04
C ASP B 8 -9.31 -27.85 -21.17
N THR B 9 -8.66 -27.84 -22.32
CA THR B 9 -7.56 -26.91 -22.58
C THR B 9 -8.01 -25.47 -22.42
N ILE B 10 -9.09 -25.10 -23.10
CA ILE B 10 -9.60 -23.73 -23.01
C ILE B 10 -10.08 -23.40 -21.60
N ALA B 11 -10.73 -24.38 -20.97
CA ALA B 11 -11.29 -24.18 -19.64
C ALA B 11 -10.17 -23.81 -18.68
N ALA B 12 -9.06 -24.53 -18.80
CA ALA B 12 -7.89 -24.31 -17.95
C ALA B 12 -7.38 -22.90 -18.06
N GLU B 13 -7.41 -22.34 -19.26
CA GLU B 13 -6.95 -20.97 -19.49
C GLU B 13 -7.92 -20.02 -18.83
N HIS B 14 -9.21 -20.33 -18.95
CA HIS B 14 -10.23 -19.49 -18.34
C HIS B 14 -10.06 -19.45 -16.84
N LYS B 15 -9.66 -20.59 -16.28
CA LYS B 15 -9.48 -20.71 -14.85
C LYS B 15 -8.27 -19.90 -14.44
N GLN B 16 -7.18 -20.10 -15.17
CA GLN B 16 -5.97 -19.35 -14.95
C GLN B 16 -6.25 -17.85 -14.97
N GLU B 17 -7.04 -17.41 -15.94
CA GLU B 17 -7.32 -15.98 -16.07
C GLU B 17 -8.06 -15.53 -14.83
N ALA B 18 -8.88 -16.43 -14.32
CA ALA B 18 -9.63 -16.15 -13.11
C ALA B 18 -8.68 -15.94 -11.94
N SER B 19 -7.65 -16.79 -11.87
CA SER B 19 -6.65 -16.62 -10.82
C SER B 19 -5.94 -15.28 -10.98
N VAL B 20 -5.57 -14.96 -12.22
CA VAL B 20 -4.96 -13.67 -12.53
C VAL B 20 -5.79 -12.50 -12.01
N LEU B 21 -7.10 -12.54 -12.25
CA LEU B 21 -7.96 -11.46 -11.80
C LEU B 21 -8.09 -11.42 -10.27
N LEU B 22 -8.16 -12.60 -9.65
CA LEU B 22 -8.28 -12.69 -8.20
C LEU B 22 -7.11 -11.94 -7.58
N ASN B 23 -5.92 -12.21 -8.10
CA ASN B 23 -4.73 -11.59 -7.54
C ASN B 23 -4.67 -10.12 -7.81
N LEU B 24 -5.02 -9.75 -9.04
CA LEU B 24 -5.04 -8.35 -9.42
C LEU B 24 -6.04 -7.55 -8.58
N HIS B 25 -7.25 -8.07 -8.44
CA HIS B 25 -8.27 -7.28 -7.78
C HIS B 25 -8.06 -7.21 -6.27
N ARG B 26 -7.64 -8.30 -5.65
CA ARG B 26 -7.31 -8.29 -4.22
C ARG B 26 -6.23 -7.26 -3.91
N ASN B 27 -5.23 -7.19 -4.79
CA ASN B 27 -4.12 -6.31 -4.54
C ASN B 27 -4.58 -4.88 -4.56
N LYS B 28 -5.45 -4.56 -5.51
CA LYS B 28 -5.93 -3.20 -5.56
C LYS B 28 -6.60 -2.82 -4.26
N ILE B 29 -7.36 -3.74 -3.69
CA ILE B 29 -8.07 -3.43 -2.44
C ILE B 29 -7.10 -3.43 -1.27
N ASN B 30 -6.23 -4.44 -1.22
CA ASN B 30 -5.20 -4.49 -0.20
C ASN B 30 -4.39 -3.20 -0.17
N TYR B 31 -4.03 -2.70 -1.35
CA TYR B 31 -3.27 -1.46 -1.42
C TYR B 31 -4.06 -0.30 -0.80
N LEU B 32 -5.32 -0.17 -1.21
CA LEU B 32 -6.18 0.90 -0.73
C LEU B 32 -6.22 0.89 0.79
N ILE B 33 -6.55 -0.27 1.34
CA ILE B 33 -6.66 -0.42 2.76
C ILE B 33 -5.33 -0.13 3.48
N GLY B 34 -4.25 -0.76 3.04
CA GLY B 34 -2.95 -0.57 3.66
C GLY B 34 -2.45 0.87 3.65
N GLU B 35 -2.56 1.52 2.49
CA GLU B 35 -2.18 2.91 2.37
C GLU B 35 -3.03 3.80 3.30
N THR B 36 -4.34 3.54 3.35
CA THR B 36 -5.20 4.31 4.25
C THR B 36 -4.81 4.13 5.73
N MSE B 37 -4.48 2.90 6.11
CA MSE B 37 -3.98 2.62 7.47
C MSE B 37 -2.71 3.41 7.72
O MSE B 37 -2.51 3.99 8.79
CB MSE B 37 -3.68 1.13 7.65
CG MSE B 37 -4.93 0.23 7.55
SE MSE B 37 -4.47 -1.67 7.32
CE MSE B 37 -3.59 -2.01 9.01
N ALA B 38 -1.82 3.42 6.72
CA ALA B 38 -0.55 4.10 6.88
C ALA B 38 -0.80 5.61 6.99
N ARG B 39 -1.67 6.16 6.14
CA ARG B 39 -1.96 7.59 6.23
C ARG B 39 -2.51 7.95 7.61
N MSE B 40 -3.54 7.24 8.04
CA MSE B 40 -4.16 7.48 9.34
C MSE B 40 -3.18 7.35 10.50
O MSE B 40 -3.20 8.14 11.44
CB MSE B 40 -5.38 6.56 9.57
CG MSE B 40 -6.53 6.81 8.58
SE MSE B 40 -7.27 8.64 8.59
CE MSE B 40 -6.34 9.35 7.07
N THR B 41 -2.29 6.37 10.44
CA THR B 41 -1.34 6.19 11.51
C THR B 41 -0.34 7.36 11.53
N SER B 42 0.12 7.79 10.35
CA SER B 42 1.03 8.91 10.29
C SER B 42 0.39 10.18 10.87
N LEU B 43 -0.88 10.39 10.55
CA LEU B 43 -1.61 11.51 11.14
C LEU B 43 -1.57 11.41 12.67
N SER B 44 -1.88 10.23 13.19
CA SER B 44 -2.01 10.05 14.64
C SER B 44 -0.71 10.37 15.37
N ILE B 45 0.41 10.08 14.71
CA ILE B 45 1.75 10.32 15.25
C ILE B 45 2.20 11.78 15.11
N ALA B 46 1.79 12.40 14.00
CA ALA B 46 2.29 13.73 13.66
C ALA B 46 1.54 14.84 14.37
N ILE B 47 0.33 14.56 14.85
CA ILE B 47 -0.42 15.63 15.50
C ILE B 47 0.14 16.02 16.86
N ASP B 48 0.09 17.32 17.12
CA ASP B 48 0.62 17.90 18.33
C ASP B 48 -0.49 17.87 19.37
N ARG B 49 -0.26 17.22 20.51
CA ARG B 49 -1.25 17.26 21.58
C ARG B 49 -1.01 18.53 22.38
N PRO B 50 -2.10 19.17 22.85
CA PRO B 50 -3.51 18.79 22.70
C PRO B 50 -4.02 19.17 21.32
N VAL B 51 -4.76 18.28 20.68
CA VAL B 51 -5.20 18.53 19.31
C VAL B 51 -6.08 19.78 19.15
N ASP B 52 -5.73 20.59 18.17
CA ASP B 52 -6.61 21.67 17.76
C ASP B 52 -7.59 21.09 16.76
N ILE B 53 -8.88 21.18 17.07
CA ILE B 53 -9.88 20.55 16.23
C ILE B 53 -10.02 21.24 14.86
N LYS B 54 -9.72 22.53 14.80
CA LYS B 54 -9.78 23.25 13.51
C LYS B 54 -8.65 22.82 12.59
N LYS B 55 -7.48 22.68 13.19
CA LYS B 55 -6.35 22.13 12.49
C LYS B 55 -6.66 20.70 12.01
N MSE B 56 -7.24 19.89 12.89
CA MSE B 56 -7.61 18.53 12.51
C MSE B 56 -8.61 18.54 11.34
O MSE B 56 -8.46 17.80 10.36
CB MSE B 56 -8.20 17.77 13.71
CG MSE B 56 -8.71 16.36 13.38
SE MSE B 56 -7.30 15.21 12.63
CE MSE B 56 -5.97 15.55 14.02
N GLN B 57 -9.62 19.39 11.45
CA GLN B 57 -10.62 19.54 10.39
C GLN B 57 -9.91 19.80 9.06
N SER B 58 -9.00 20.75 9.07
CA SER B 58 -8.21 21.09 7.89
C SER B 58 -7.39 19.92 7.35
N ILE B 59 -6.76 19.17 8.25
CA ILE B 59 -5.99 18.00 7.86
C ILE B 59 -6.87 16.96 7.18
N LEU B 60 -8.06 16.77 7.72
CA LEU B 60 -8.92 15.76 7.16
C LEU B 60 -9.43 16.18 5.80
N GLU B 61 -9.74 17.47 5.64
CA GLU B 61 -10.20 17.96 4.35
C GLU B 61 -9.10 17.77 3.30
N LYS B 62 -7.87 18.16 3.64
CA LYS B 62 -6.76 18.05 2.71
C LYS B 62 -6.49 16.58 2.38
N THR B 63 -6.63 15.69 3.36
CA THR B 63 -6.40 14.27 3.12
C THR B 63 -7.47 13.68 2.21
N PHE B 64 -8.69 14.17 2.36
CA PHE B 64 -9.88 13.69 1.65
C PHE B 64 -9.87 14.16 0.21
N ASP B 65 -9.42 15.39 -0.02
CA ASP B 65 -9.49 16.02 -1.32
C ASP B 65 -9.07 15.14 -2.49
N SER B 66 -9.96 15.02 -3.49
CA SER B 66 -9.71 14.26 -4.72
C SER B 66 -9.36 12.78 -4.49
N GLU B 67 -10.11 12.13 -3.61
CA GLU B 67 -9.91 10.71 -3.34
C GLU B 67 -11.27 10.04 -3.35
N PRO B 68 -11.75 9.68 -4.55
CA PRO B 68 -13.09 9.10 -4.75
C PRO B 68 -13.30 7.91 -3.81
N ARG B 69 -12.19 7.28 -3.44
CA ARG B 69 -12.18 6.13 -2.56
C ARG B 69 -12.94 6.40 -1.28
N PHE B 70 -12.90 7.64 -0.81
CA PHE B 70 -13.42 7.95 0.51
C PHE B 70 -14.87 8.37 0.52
N SER B 71 -15.63 7.72 1.39
CA SER B 71 -16.94 8.22 1.78
C SER B 71 -16.74 9.52 2.58
N GLY B 72 -15.87 9.47 3.57
CA GLY B 72 -15.57 10.62 4.41
C GLY B 72 -14.47 10.28 5.39
N LEU B 73 -13.94 11.30 6.04
CA LEU B 73 -12.92 11.11 7.07
C LEU B 73 -13.40 11.89 8.30
N TYR B 74 -13.18 11.33 9.48
CA TYR B 74 -13.75 11.88 10.69
C TYR B 74 -12.76 11.80 11.86
N PHE B 75 -12.93 12.70 12.82
CA PHE B 75 -12.19 12.64 14.08
C PHE B 75 -13.23 12.48 15.20
N LEU B 76 -12.94 11.63 16.18
CA LEU B 76 -13.85 11.41 17.31
C LEU B 76 -13.18 11.75 18.62
N ASN B 77 -13.97 12.28 19.57
CA ASN B 77 -13.44 12.43 20.92
C ASN B 77 -13.46 11.08 21.64
N ALA B 78 -13.07 11.10 22.90
CA ALA B 78 -12.95 9.86 23.65
C ALA B 78 -14.31 9.19 23.82
N LYS B 79 -15.37 9.98 23.66
CA LYS B 79 -16.74 9.49 23.85
C LYS B 79 -17.33 8.92 22.57
N GLY B 80 -16.69 9.20 21.43
CA GLY B 80 -17.18 8.67 20.17
C GLY B 80 -17.97 9.69 19.39
N ASP B 81 -18.12 10.89 19.97
CA ASP B 81 -18.65 12.05 19.25
C ASP B 81 -17.74 12.43 18.07
N VAL B 82 -18.35 12.68 16.91
CA VAL B 82 -17.59 13.15 15.74
C VAL B 82 -17.32 14.63 15.92
N THR B 83 -16.05 15.00 16.04
CA THR B 83 -15.68 16.38 16.31
C THR B 83 -15.15 17.09 15.07
N ALA B 84 -14.78 16.32 14.05
CA ALA B 84 -14.34 16.88 12.78
C ALA B 84 -14.79 15.89 11.71
N SER B 85 -15.20 16.41 10.57
CA SER B 85 -15.89 15.61 9.58
C SER B 85 -15.74 16.22 8.22
N THR B 86 -15.41 15.40 7.22
CA THR B 86 -15.38 15.90 5.85
C THR B 86 -16.81 16.01 5.33
N THR B 87 -17.71 15.32 6.02
CA THR B 87 -19.13 15.43 5.64
C THR B 87 -19.85 16.49 6.47
N GLU B 88 -20.60 17.35 5.78
CA GLU B 88 -21.45 18.33 6.41
C GLU B 88 -22.50 17.61 7.27
N LEU B 89 -22.34 17.66 8.60
CA LEU B 89 -23.24 16.96 9.50
C LEU B 89 -24.45 17.81 9.84
N LYS B 90 -25.63 17.19 9.84
CA LYS B 90 -26.87 17.91 10.11
C LYS B 90 -27.25 17.74 11.58
N THR B 91 -26.68 16.72 12.22
CA THR B 91 -26.92 16.44 13.62
C THR B 91 -25.63 16.02 14.29
N LYS B 92 -25.62 16.01 15.62
CA LYS B 92 -24.54 15.38 16.34
C LYS B 92 -24.46 13.94 15.85
N VAL B 93 -23.24 13.42 15.75
CA VAL B 93 -23.07 12.00 15.49
C VAL B 93 -22.15 11.37 16.52
N ASN B 94 -22.60 10.29 17.12
CA ASN B 94 -21.74 9.50 18.00
C ASN B 94 -21.60 8.11 17.42
N LEU B 95 -20.39 7.55 17.45
CA LEU B 95 -20.16 6.24 16.86
C LEU B 95 -19.76 5.16 17.88
N ALA B 96 -19.83 5.48 19.16
CA ALA B 96 -19.30 4.58 20.18
C ALA B 96 -19.93 3.18 20.14
N ASP B 97 -21.08 3.06 19.50
CA ASP B 97 -21.81 1.78 19.44
C ASP B 97 -21.28 0.81 18.37
N ARG B 98 -20.46 1.32 17.46
CA ARG B 98 -19.89 0.49 16.40
C ARG B 98 -18.93 -0.55 16.96
N SER B 99 -18.94 -1.75 16.37
CA SER B 99 -18.00 -2.80 16.74
C SER B 99 -16.57 -2.32 16.58
N PHE B 100 -16.28 -1.62 15.49
CA PHE B 100 -14.91 -1.16 15.23
C PHE B 100 -14.48 -0.18 16.31
N PHE B 101 -15.40 0.64 16.78
CA PHE B 101 -15.06 1.59 17.85
C PHE B 101 -14.78 0.86 19.15
N ILE B 102 -15.66 -0.06 19.50
CA ILE B 102 -15.52 -0.79 20.74
C ILE B 102 -14.18 -1.53 20.75
N LYS B 103 -13.83 -2.14 19.62
CA LYS B 103 -12.59 -2.90 19.52
C LYS B 103 -11.35 -1.98 19.49
N ALA B 104 -11.47 -0.86 18.79
CA ALA B 104 -10.39 0.13 18.78
C ALA B 104 -10.08 0.58 20.20
N LYS B 105 -11.12 0.93 20.95
CA LYS B 105 -10.97 1.32 22.34
C LYS B 105 -10.35 0.22 23.21
N GLU B 106 -10.82 -1.00 23.06
CA GLU B 106 -10.32 -2.11 23.87
C GLU B 106 -8.92 -2.57 23.45
N THR B 107 -8.70 -2.75 22.16
CA THR B 107 -7.41 -3.22 21.69
C THR B 107 -6.36 -2.11 21.65
N LYS B 108 -6.81 -0.86 21.67
CA LYS B 108 -5.93 0.29 21.50
C LYS B 108 -5.07 0.15 20.23
N LYS B 109 -5.58 -0.60 19.26
CA LYS B 109 -4.87 -0.79 18.01
C LYS B 109 -5.77 -0.46 16.83
N THR B 110 -5.19 -0.39 15.64
CA THR B 110 -5.96 -0.08 14.44
C THR B 110 -7.03 -1.13 14.17
N VAL B 111 -8.21 -0.69 13.72
CA VAL B 111 -9.27 -1.62 13.39
C VAL B 111 -9.81 -1.37 11.99
N ILE B 112 -10.01 -2.46 11.25
CA ILE B 112 -10.64 -2.44 9.94
C ILE B 112 -11.98 -3.13 10.11
N SER B 113 -13.09 -2.40 9.91
CA SER B 113 -14.42 -2.93 10.23
C SER B 113 -14.98 -3.76 9.09
N ASP B 114 -15.98 -4.57 9.39
CA ASP B 114 -16.82 -5.17 8.34
C ASP B 114 -17.61 -4.04 7.69
N SER B 115 -18.34 -4.35 6.63
CA SER B 115 -19.06 -3.31 5.94
C SER B 115 -20.39 -3.09 6.63
N TYR B 116 -20.94 -1.90 6.46
CA TYR B 116 -22.26 -1.57 6.96
C TYR B 116 -22.73 -0.29 6.29
N SER B 117 -23.90 0.18 6.68
CA SER B 117 -24.48 1.36 6.06
C SER B 117 -24.13 2.57 6.90
N SER B 118 -23.37 3.48 6.32
CA SER B 118 -22.96 4.68 7.03
C SER B 118 -24.14 5.43 7.66
N ARG B 119 -23.99 5.76 8.95
CA ARG B 119 -24.99 6.55 9.66
C ARG B 119 -25.06 7.95 9.08
N ILE B 120 -23.99 8.36 8.42
CA ILE B 120 -23.80 9.74 8.01
C ILE B 120 -24.22 10.01 6.57
N THR B 121 -23.95 9.06 5.68
CA THR B 121 -24.21 9.21 4.25
C THR B 121 -25.25 8.22 3.73
N GLY B 122 -25.62 7.25 4.57
CA GLY B 122 -26.50 6.17 4.16
C GLY B 122 -25.99 5.19 3.10
N GLN B 123 -24.70 5.27 2.75
CA GLN B 123 -24.14 4.39 1.73
C GLN B 123 -23.40 3.22 2.37
N PRO B 124 -23.20 2.12 1.62
CA PRO B 124 -22.35 1.05 2.12
C PRO B 124 -20.89 1.51 2.21
N ILE B 125 -20.27 1.23 3.35
CA ILE B 125 -18.92 1.64 3.64
C ILE B 125 -18.30 0.59 4.53
N PHE B 126 -16.98 0.63 4.67
CA PHE B 126 -16.31 -0.04 5.76
C PHE B 126 -15.27 0.97 6.25
N THR B 127 -14.81 0.84 7.50
CA THR B 127 -13.91 1.85 8.02
C THR B 127 -12.58 1.36 8.57
N ILE B 128 -11.62 2.26 8.51
CA ILE B 128 -10.33 2.09 9.11
C ILE B 128 -10.29 3.05 10.29
N CYS B 129 -10.09 2.51 11.48
CA CYS B 129 -10.13 3.32 12.68
C CYS B 129 -8.83 3.20 13.45
N VAL B 130 -8.24 4.34 13.77
CA VAL B 130 -6.94 4.39 14.43
C VAL B 130 -7.09 5.17 15.72
N PRO B 131 -6.86 4.50 16.86
CA PRO B 131 -6.98 5.20 18.14
C PRO B 131 -5.83 6.17 18.35
N VAL B 132 -6.12 7.34 18.88
CA VAL B 132 -5.07 8.31 19.22
C VAL B 132 -4.76 8.27 20.72
N LEU B 133 -3.52 7.95 21.05
CA LEU B 133 -3.13 7.73 22.43
C LEU B 133 -2.38 8.92 23.01
N ASP B 134 -2.42 9.07 24.33
CA ASP B 134 -1.62 10.10 24.99
C ASP B 134 -0.34 9.48 25.55
N SER B 135 0.27 10.15 26.53
CA SER B 135 1.53 9.69 27.11
C SER B 135 1.40 8.37 27.87
N LYS B 136 0.39 8.27 28.73
CA LYS B 136 0.15 7.03 29.48
C LYS B 136 -0.59 6.00 28.64
N ARG B 137 -0.55 6.19 27.32
CA ARG B 137 -1.24 5.31 26.39
C ARG B 137 -2.74 5.18 26.67
N ASN B 138 -3.36 6.28 27.07
CA ASN B 138 -4.81 6.38 27.11
C ASN B 138 -5.38 6.83 25.76
N VAL B 139 -6.40 6.15 25.28
CA VAL B 139 -7.05 6.57 24.04
C VAL B 139 -7.75 7.88 24.27
N THR B 140 -7.33 8.93 23.59
CA THR B 140 -7.92 10.26 23.76
C THR B 140 -8.88 10.61 22.64
N ASP B 141 -8.59 10.11 21.44
CA ASP B 141 -9.42 10.40 20.28
C ASP B 141 -9.33 9.27 19.27
N TYR B 142 -10.10 9.38 18.19
CA TYR B 142 -10.02 8.40 17.12
C TYR B 142 -10.05 9.04 15.73
N LEU B 143 -9.11 8.61 14.88
CA LEU B 143 -9.18 8.87 13.44
C LEU B 143 -9.98 7.78 12.76
N VAL B 144 -10.92 8.18 11.92
CA VAL B 144 -11.80 7.23 11.24
C VAL B 144 -11.81 7.49 9.74
N ALA B 145 -11.43 6.50 8.94
CA ALA B 145 -11.51 6.69 7.50
C ALA B 145 -12.53 5.73 6.94
N ALA B 146 -13.56 6.31 6.34
CA ALA B 146 -14.68 5.56 5.78
C ALA B 146 -14.51 5.42 4.27
N ILE B 147 -14.42 4.18 3.81
CA ILE B 147 -14.22 3.92 2.39
C ILE B 147 -15.52 3.47 1.73
N GLN B 148 -15.80 3.94 0.51
CA GLN B 148 -17.03 3.54 -0.20
C GLN B 148 -16.92 2.15 -0.84
N ILE B 149 -17.79 1.24 -0.41
CA ILE B 149 -17.86 -0.07 -1.04
C ILE B 149 -18.06 0.08 -2.55
N ASP B 150 -18.97 0.96 -2.96
CA ASP B 150 -19.29 1.10 -4.37
C ASP B 150 -18.14 1.60 -5.20
N TYR B 151 -17.20 2.31 -4.58
CA TYR B 151 -16.00 2.75 -5.28
C TYR B 151 -15.19 1.53 -5.65
N LEU B 152 -15.07 0.59 -4.73
CA LEU B 152 -14.36 -0.65 -4.98
C LEU B 152 -15.06 -1.48 -6.04
N LYS B 153 -16.39 -1.52 -5.96
CA LYS B 153 -17.17 -2.32 -6.91
C LYS B 153 -17.01 -1.74 -8.31
N ASN B 154 -17.15 -0.43 -8.44
CA ASN B 154 -17.02 0.20 -9.75
C ASN B 154 -15.62 0.12 -10.36
N LEU B 155 -14.59 0.19 -9.51
CA LEU B 155 -13.21 -0.01 -9.98
C LEU B 155 -13.09 -1.33 -10.71
N ILE B 156 -13.48 -2.38 -9.99
CA ILE B 156 -13.42 -3.75 -10.49
C ILE B 156 -14.26 -3.97 -11.75
N ASN B 157 -15.53 -3.59 -11.69
CA ASN B 157 -16.42 -3.78 -12.81
C ASN B 157 -15.91 -3.10 -14.09
N LEU B 158 -15.22 -1.98 -13.92
CA LEU B 158 -14.71 -1.22 -15.04
C LEU B 158 -13.48 -1.89 -15.69
N LEU B 159 -12.70 -2.60 -14.89
CA LEU B 159 -11.57 -3.38 -15.41
C LEU B 159 -12.02 -4.74 -15.93
N SER B 160 -12.99 -5.37 -15.26
CA SER B 160 -13.41 -6.72 -15.62
C SER B 160 -14.91 -6.85 -15.74
N PRO B 161 -15.51 -6.13 -16.70
CA PRO B 161 -16.96 -6.04 -16.94
C PRO B 161 -17.64 -7.38 -17.24
N ASP B 162 -16.88 -8.32 -17.80
CA ASP B 162 -17.47 -9.56 -18.36
C ASP B 162 -17.21 -10.78 -17.51
N VAL B 163 -16.80 -10.54 -16.27
CA VAL B 163 -16.53 -11.63 -15.37
C VAL B 163 -17.40 -11.38 -14.16
N TYR B 164 -17.93 -12.47 -13.60
CA TYR B 164 -18.71 -12.38 -12.38
C TYR B 164 -17.80 -12.59 -11.19
N ILE B 165 -17.83 -11.63 -10.28
CA ILE B 165 -16.98 -11.63 -9.08
C ILE B 165 -17.77 -11.28 -7.83
N GLU B 166 -17.54 -12.03 -6.76
CA GLU B 166 -18.26 -11.87 -5.52
C GLU B 166 -17.25 -11.63 -4.42
N VAL B 167 -17.59 -10.69 -3.55
CA VAL B 167 -16.90 -10.52 -2.28
C VAL B 167 -17.91 -10.78 -1.15
N VAL B 168 -17.49 -11.58 -0.17
CA VAL B 168 -18.39 -12.09 0.85
C VAL B 168 -17.67 -12.09 2.19
N ASN B 169 -18.36 -11.77 3.29
CA ASN B 169 -17.71 -11.85 4.59
C ASN B 169 -17.83 -13.25 5.19
N GLN B 170 -17.36 -13.43 6.41
CA GLN B 170 -17.40 -14.74 7.06
C GLN B 170 -18.81 -15.18 7.40
N ASP B 171 -19.70 -14.23 7.65
CA ASP B 171 -21.09 -14.61 7.95
C ASP B 171 -21.86 -15.02 6.70
N GLY B 172 -21.28 -14.76 5.52
CA GLY B 172 -21.96 -15.07 4.28
C GLY B 172 -22.67 -13.86 3.71
N LYS B 173 -22.40 -12.69 4.28
CA LYS B 173 -23.03 -11.49 3.76
C LYS B 173 -22.32 -11.09 2.47
N MSE B 174 -23.09 -10.78 1.44
CA MSE B 174 -22.50 -10.28 0.22
C MSE B 174 -22.00 -8.87 0.48
O MSE B 174 -22.78 -8.00 0.87
CB MSE B 174 -23.55 -10.24 -0.89
CG MSE B 174 -23.00 -9.74 -2.21
SE MSE B 174 -21.96 -11.10 -3.11
CE MSE B 174 -23.46 -12.17 -3.75
N ILE B 175 -20.73 -8.64 0.29
CA ILE B 175 -20.20 -7.28 0.40
C ILE B 175 -20.55 -6.52 -0.88
N PHE B 176 -20.13 -7.06 -1.99
CA PHE B 176 -20.55 -6.57 -3.29
C PHE B 176 -20.30 -7.64 -4.33
N ALA B 177 -21.03 -7.55 -5.43
CA ALA B 177 -20.78 -8.40 -6.58
C ALA B 177 -20.58 -7.50 -7.80
N SER B 178 -19.89 -8.02 -8.83
CA SER B 178 -19.62 -7.27 -10.06
C SER B 178 -19.80 -8.20 -11.24
N GLY B 179 -20.47 -7.69 -12.27
CA GLY B 179 -20.68 -8.45 -13.47
C GLY B 179 -21.94 -9.28 -13.42
N GLN B 180 -22.20 -9.96 -14.52
CA GLN B 180 -23.43 -10.73 -14.68
C GLN B 180 -23.25 -12.15 -14.18
N ALA B 181 -23.98 -12.44 -13.12
CA ALA B 181 -23.98 -13.73 -12.44
C ALA B 181 -24.12 -14.87 -13.42
N SER B 182 -24.77 -14.62 -14.56
CA SER B 182 -24.97 -15.64 -15.57
C SER B 182 -23.68 -16.16 -16.19
N HIS B 183 -22.64 -15.31 -16.24
CA HIS B 183 -21.34 -15.73 -16.77
C HIS B 183 -20.70 -16.83 -15.91
N ALA B 184 -21.32 -17.14 -14.77
CA ALA B 184 -20.74 -18.09 -13.83
C ALA B 184 -21.34 -19.49 -13.93
N GLU B 185 -22.37 -19.65 -14.75
CA GLU B 185 -23.10 -20.91 -14.83
C GLU B 185 -22.19 -22.12 -15.06
N ASP B 186 -22.28 -23.06 -14.13
CA ASP B 186 -21.54 -24.32 -14.17
C ASP B 186 -20.05 -24.19 -13.87
N GLN B 187 -19.68 -23.17 -13.12
CA GLN B 187 -18.28 -22.93 -12.76
C GLN B 187 -18.09 -22.84 -11.24
N LYS B 188 -16.99 -23.42 -10.74
CA LYS B 188 -16.50 -23.12 -9.40
C LYS B 188 -15.63 -21.89 -9.51
N PRO B 189 -15.75 -20.97 -8.55
CA PRO B 189 -14.89 -19.80 -8.63
C PRO B 189 -13.48 -20.16 -8.17
N VAL B 190 -12.52 -19.29 -8.45
CA VAL B 190 -11.24 -19.33 -7.75
C VAL B 190 -11.38 -18.25 -6.69
N SER B 191 -10.92 -18.52 -5.47
CA SER B 191 -11.28 -17.68 -4.34
C SER B 191 -10.10 -17.39 -3.45
N GLY B 192 -10.15 -16.28 -2.74
CA GLY B 192 -9.09 -15.93 -1.80
C GLY B 192 -9.43 -14.71 -0.97
N TYR B 193 -8.85 -14.66 0.22
CA TYR B 193 -9.10 -13.59 1.18
C TYR B 193 -8.24 -12.34 0.96
N LEU B 194 -8.76 -11.21 1.38
CA LEU B 194 -7.98 -9.99 1.50
C LEU B 194 -7.01 -10.09 2.70
N ASP B 195 -6.08 -9.17 2.82
CA ASP B 195 -5.10 -9.26 3.91
C ASP B 195 -5.59 -8.73 5.26
N ASP B 196 -6.21 -7.56 5.26
CA ASP B 196 -6.51 -6.86 6.51
C ASP B 196 -7.94 -7.03 7.05
N ILE B 197 -8.82 -7.55 6.20
CA ILE B 197 -10.20 -7.83 6.59
C ILE B 197 -10.53 -9.18 5.95
N SER B 198 -11.38 -9.97 6.60
CA SER B 198 -11.59 -11.36 6.19
C SER B 198 -12.72 -11.50 5.20
N TRP B 199 -12.72 -10.64 4.20
CA TRP B 199 -13.61 -10.78 3.07
C TRP B 199 -13.00 -11.80 2.11
N ASN B 200 -13.83 -12.66 1.56
CA ASN B 200 -13.33 -13.61 0.58
C ASN B 200 -13.80 -13.23 -0.82
N MSE B 201 -12.85 -13.12 -1.76
CA MSE B 201 -13.20 -12.83 -3.17
C MSE B 201 -13.23 -14.09 -4.03
O MSE B 201 -12.32 -14.94 -4.01
CB MSE B 201 -12.23 -11.84 -3.79
CG MSE B 201 -12.58 -11.48 -5.24
SE MSE B 201 -11.29 -10.22 -6.09
CE MSE B 201 -11.52 -8.67 -4.96
N LYS B 202 -14.30 -14.18 -4.81
CA LYS B 202 -14.54 -15.34 -5.62
C LYS B 202 -14.64 -14.87 -7.05
N VAL B 203 -13.66 -15.29 -7.87
CA VAL B 203 -13.66 -14.96 -9.29
C VAL B 203 -14.08 -16.20 -10.07
N TYR B 204 -15.17 -16.08 -10.82
CA TYR B 204 -15.70 -17.19 -11.57
C TYR B 204 -15.07 -17.23 -12.95
N PRO B 205 -14.53 -18.39 -13.35
CA PRO B 205 -14.08 -18.53 -14.74
C PRO B 205 -15.24 -18.36 -15.72
N ASN B 206 -15.02 -17.61 -16.80
CA ASN B 206 -15.94 -17.63 -17.94
C ASN B 206 -16.00 -19.03 -18.55
N PRO B 207 -17.15 -19.38 -19.14
CA PRO B 207 -17.27 -20.71 -19.75
C PRO B 207 -16.61 -20.72 -21.12
N VAL B 208 -16.33 -21.90 -21.64
CA VAL B 208 -15.80 -22.05 -23.00
C VAL B 208 -16.91 -21.82 -24.03
N THR B 209 -16.74 -20.79 -24.87
CA THR B 209 -17.75 -20.48 -25.88
C THR B 209 -17.64 -21.36 -27.12
N ILE B 210 -18.51 -21.09 -28.09
CA ILE B 210 -18.53 -21.85 -29.33
C ILE B 210 -17.18 -21.83 -30.04
N GLU B 211 -16.51 -20.67 -30.04
CA GLU B 211 -15.18 -20.56 -30.60
C GLU B 211 -14.13 -20.59 -29.50
N GLU B 212 -13.42 -21.71 -29.31
CA GLU B 212 -13.52 -22.96 -30.09
C GLU B 212 -14.05 -22.86 -31.54
C PYR C . 22.36 9.50 1.78
O PYR C . 23.64 9.45 2.11
OXT PYR C . 21.98 10.05 0.65
CA PYR C . 21.42 8.94 2.65
O3 PYR C . 21.70 7.85 3.34
CB PYR C . 20.07 9.56 2.78
C1 GOL D . 6.52 26.46 6.61
O1 GOL D . 5.37 25.83 7.15
C2 GOL D . 7.65 25.46 6.39
O2 GOL D . 7.42 24.76 5.20
C3 GOL D . 7.68 24.41 7.48
O3 GOL D . 8.23 24.99 8.63
C1 GOL E . 13.05 25.61 8.49
O1 GOL E . 14.24 24.96 8.08
C2 GOL E . 12.06 24.61 9.11
O2 GOL E . 10.80 24.81 8.51
C3 GOL E . 11.91 24.82 10.61
O3 GOL E . 13.00 24.29 11.36
C1 GOL F . 19.07 -12.16 -18.55
O1 GOL F . 17.83 -12.23 -19.24
C2 GOL F . 19.63 -10.74 -18.34
O2 GOL F . 20.85 -10.60 -19.04
C3 GOL F . 19.91 -10.47 -16.85
O3 GOL F . 20.18 -9.10 -16.55
C PYR G . -20.56 5.62 10.58
O PYR G . -21.83 5.95 10.75
OXT PYR G . -20.05 4.67 11.32
CA PYR G . -19.75 6.25 9.63
O3 PYR G . -20.20 6.64 8.46
CB PYR G . -18.30 6.46 9.93
C1 GOL H . -0.68 -5.51 3.14
O1 GOL H . -1.15 -6.21 2.01
C2 GOL H . -1.49 -4.23 3.23
O2 GOL H . -2.84 -4.47 2.92
C3 GOL H . -1.32 -3.50 4.58
O3 GOL H . -1.03 -4.37 5.66
C1 GOL I . -9.35 -14.37 7.54
O1 GOL I . -9.71 -15.74 7.55
C2 GOL I . -8.01 -14.13 6.82
O2 GOL I . -7.70 -15.27 6.06
C3 GOL I . -8.04 -12.93 5.86
O3 GOL I . -7.85 -11.70 6.50
C1 GOL J . -1.59 -11.63 -2.26
O1 GOL J . -1.50 -12.37 -1.06
C2 GOL J . -2.90 -11.97 -2.99
O2 GOL J . -3.98 -11.58 -2.19
C3 GOL J . -3.02 -11.36 -4.40
O3 GOL J . -3.01 -9.95 -4.40
C1 GOL K . -18.19 -3.93 12.48
O1 GOL K . -16.84 -4.15 12.06
C2 GOL K . -18.70 -2.51 12.21
O2 GOL K . -18.27 -1.63 13.22
C3 GOL K . -20.22 -2.44 12.14
O3 GOL K . -20.76 -1.70 13.23
C1 GOL L . -16.05 -9.40 10.49
O1 GOL L . -14.90 -8.66 10.86
C2 GOL L . -15.63 -10.56 9.59
O2 GOL L . -16.25 -11.77 9.98
C3 GOL L . -15.95 -10.25 8.13
O3 GOL L . -15.73 -11.43 7.38
C1 GOL M . -1.90 19.67 16.51
O1 GOL M . -3.10 20.14 17.07
C2 GOL M . -2.22 18.66 15.41
O2 GOL M . -3.57 18.80 15.01
C3 GOL M . -1.29 18.93 14.23
O3 GOL M . 0.04 18.73 14.67
#